data_3MYW
#
_entry.id   3MYW
#
_cell.length_a   62.46
_cell.length_b   62.46
_cell.length_c   160.01
_cell.angle_alpha   90.00
_cell.angle_beta   90.00
_cell.angle_gamma   120.00
#
_symmetry.space_group_name_H-M   'P 31'
#
loop_
_entity.id
_entity.type
_entity.pdbx_description
1 polymer Trypsin
2 polymer 'Bowman-Birk type trypsin inhibitor'
3 non-polymer 'CALCIUM ION'
4 water water
#
loop_
_entity_poly.entity_id
_entity_poly.type
_entity_poly.pdbx_seq_one_letter_code
_entity_poly.pdbx_strand_id
1 'polypeptide(L)'
;IVGGYTCAANSVPYQVSLNSGSHFCGGSLINSQWVVSAAHCYKSRIQVRLGEHNIDVLEGNEQFINAAKIITHPNFNGNT
LDNDIMLIKLSSPATLNSRVATVSLPRSCAAAGTECLISGWGNTKSSGSSYPSLLQCLKAPVLSDSSCKSAYPGQITGNM
ICVGFLEGGKDSCQGDSGGPVVCNGQLQGIVSWGYGCAQKNKPGVYTKVCNYVNWIQQTIAAN
;
A,B
2 'polypeptide(L)' SHDEPSESSEPCCDSCDCTKSKPPQCHCANIRLNSCHSACKSCICTRSMPGKCRCLDTDDFCYKPCESMDKD I
#
loop_
_chem_comp.id
_chem_comp.type
_chem_comp.name
_chem_comp.formula
CA non-polymer 'CALCIUM ION' 'Ca 2'
#
# COMPACT_ATOMS: atom_id res chain seq x y z
N ILE A 1 -19.81 -17.64 -5.70
CA ILE A 1 -19.67 -16.91 -6.94
C ILE A 1 -21.01 -16.21 -7.03
N VAL A 2 -21.12 -14.90 -7.21
CA VAL A 2 -22.44 -14.29 -7.24
C VAL A 2 -22.86 -14.31 -8.68
N GLY A 3 -24.03 -14.92 -8.88
CA GLY A 3 -24.62 -14.99 -10.18
C GLY A 3 -23.92 -15.87 -11.19
N GLY A 4 -23.38 -17.02 -10.82
CA GLY A 4 -22.75 -17.92 -11.81
C GLY A 4 -23.59 -19.19 -11.93
N TYR A 5 -23.12 -20.27 -12.58
CA TYR A 5 -23.91 -21.54 -12.67
C TYR A 5 -23.28 -22.72 -11.91
N THR A 6 -24.07 -23.75 -11.57
CA THR A 6 -23.50 -24.97 -11.03
C THR A 6 -22.61 -25.58 -12.13
N CYS A 7 -21.38 -25.89 -11.78
CA CYS A 7 -20.38 -26.28 -12.75
C CYS A 7 -20.54 -27.52 -13.59
N ALA A 8 -21.27 -28.54 -13.15
CA ALA A 8 -21.37 -29.85 -13.88
C ALA A 8 -20.14 -30.69 -13.69
N ALA A 9 -20.40 -31.97 -13.56
CA ALA A 9 -19.42 -32.96 -13.20
C ALA A 9 -18.18 -32.96 -14.04
N ASN A 10 -17.05 -33.11 -13.36
CA ASN A 10 -15.71 -33.20 -13.97
C ASN A 10 -15.40 -32.07 -14.97
N SER A 11 -15.96 -30.92 -14.69
CA SER A 11 -15.78 -29.77 -15.52
C SER A 11 -14.57 -28.99 -15.03
N VAL A 12 -14.38 -28.89 -13.71
CA VAL A 12 -13.29 -28.09 -13.23
C VAL A 12 -12.34 -28.97 -12.42
N PRO A 13 -11.58 -29.96 -13.00
CA PRO A 13 -10.78 -30.97 -12.24
C PRO A 13 -9.57 -30.45 -11.44
N TYR A 14 -9.11 -29.22 -11.75
CA TYR A 14 -7.96 -28.63 -11.06
C TYR A 14 -8.38 -27.88 -9.84
N GLN A 15 -9.67 -27.69 -9.65
CA GLN A 15 -10.17 -26.99 -8.50
C GLN A 15 -9.83 -27.78 -7.27
N VAL A 16 -9.31 -27.07 -6.30
CA VAL A 16 -8.89 -27.60 -5.03
C VAL A 16 -9.62 -26.77 -3.98
N SER A 17 -9.90 -27.35 -2.84
CA SER A 17 -10.54 -26.66 -1.73
C SER A 17 -9.54 -26.66 -0.56
N LEU A 18 -9.17 -25.57 0.10
CA LEU A 18 -8.32 -25.68 1.27
C LEU A 18 -9.17 -25.78 2.52
N ASN A 19 -8.90 -26.79 3.35
CA ASN A 19 -9.73 -27.09 4.52
C ASN A 19 -8.93 -27.09 5.83
N SER A 20 -9.42 -26.47 6.89
CA SER A 20 -8.79 -26.62 8.21
C SER A 20 -9.93 -26.59 9.22
N GLY A 21 -10.74 -27.63 9.11
CA GLY A 21 -11.97 -27.69 9.81
C GLY A 21 -13.03 -27.69 8.76
N SER A 22 -12.96 -26.65 7.96
CA SER A 22 -13.86 -26.45 6.87
C SER A 22 -13.22 -25.65 5.76
N HIS A 23 -13.89 -25.62 4.63
CA HIS A 23 -13.47 -24.87 3.48
C HIS A 23 -13.19 -23.45 3.89
N PHE A 24 -12.00 -22.93 3.69
CA PHE A 24 -11.77 -21.51 3.97
C PHE A 24 -11.23 -20.80 2.73
N CYS A 25 -10.79 -21.54 1.73
CA CYS A 25 -10.26 -20.95 0.49
C CYS A 25 -10.24 -22.05 -0.55
N GLY A 26 -9.87 -21.76 -1.79
CA GLY A 26 -9.74 -22.77 -2.81
C GLY A 26 -8.33 -22.69 -3.41
N GLY A 27 -8.05 -23.43 -4.47
CA GLY A 27 -6.75 -23.38 -5.12
C GLY A 27 -6.81 -24.22 -6.38
N SER A 28 -5.69 -24.27 -7.12
CA SER A 28 -5.62 -25.05 -8.35
C SER A 28 -4.52 -26.13 -8.33
N LEU A 29 -4.77 -27.34 -8.86
CA LEU A 29 -3.71 -28.34 -8.97
C LEU A 29 -2.86 -28.02 -10.16
N ILE A 30 -1.54 -27.76 -10.00
CA ILE A 30 -0.70 -27.42 -11.18
C ILE A 30 0.24 -28.52 -11.67
N ASN A 31 0.45 -29.50 -10.81
CA ASN A 31 1.12 -30.75 -11.17
C ASN A 31 0.76 -31.74 -10.11
N SER A 32 1.15 -33.00 -10.10
CA SER A 32 0.59 -33.92 -9.12
C SER A 32 0.92 -33.62 -7.70
N GLN A 33 1.98 -32.82 -7.44
CA GLN A 33 2.40 -32.53 -6.07
C GLN A 33 2.30 -31.06 -5.59
N TRP A 34 1.94 -30.09 -6.43
CA TRP A 34 1.97 -28.69 -6.00
C TRP A 34 0.66 -27.99 -6.33
N VAL A 35 0.06 -27.33 -5.35
CA VAL A 35 -1.16 -26.56 -5.52
C VAL A 35 -0.81 -25.06 -5.47
N VAL A 36 -1.41 -24.21 -6.30
CA VAL A 36 -1.17 -22.77 -6.21
C VAL A 36 -2.44 -22.11 -5.60
N SER A 37 -2.30 -21.23 -4.60
CA SER A 37 -3.45 -20.57 -3.99
C SER A 37 -3.06 -19.11 -3.76
N ALA A 38 -3.68 -18.41 -2.83
CA ALA A 38 -3.36 -17.04 -2.59
C ALA A 38 -2.68 -16.91 -1.25
N ALA A 39 -1.64 -16.06 -1.11
CA ALA A 39 -0.91 -15.90 0.14
C ALA A 39 -1.72 -15.50 1.38
N HIS A 40 -2.78 -14.74 1.18
CA HIS A 40 -3.62 -14.39 2.31
C HIS A 40 -4.46 -15.59 2.78
N CYS A 41 -4.35 -16.76 2.15
CA CYS A 41 -5.13 -17.92 2.55
C CYS A 41 -4.31 -18.80 3.48
N TYR A 42 -3.11 -18.35 3.86
CA TYR A 42 -2.17 -19.10 4.66
C TYR A 42 -2.70 -19.39 6.02
N LYS A 43 -2.49 -20.67 6.39
CA LYS A 43 -2.65 -21.21 7.77
C LYS A 43 -1.45 -22.13 7.92
N SER A 44 -0.98 -22.41 9.10
CA SER A 44 -0.15 -23.59 9.26
C SER A 44 -1.26 -24.65 9.29
N ARG A 45 -1.09 -25.89 8.81
CA ARG A 45 -2.21 -26.89 8.72
C ARG A 45 -3.27 -26.50 7.70
N ILE A 46 -3.19 -27.16 6.57
CA ILE A 46 -4.17 -27.03 5.54
C ILE A 46 -4.30 -28.46 5.08
N GLN A 47 -5.51 -28.91 4.77
CA GLN A 47 -5.74 -30.19 4.19
C GLN A 47 -6.27 -29.88 2.83
N VAL A 48 -5.69 -30.44 1.79
CA VAL A 48 -6.15 -30.18 0.44
C VAL A 48 -7.23 -31.19 0.07
N ARG A 49 -8.41 -30.77 -0.40
CA ARG A 49 -9.43 -31.73 -0.81
C ARG A 49 -9.57 -31.54 -2.31
N LEU A 50 -9.21 -32.59 -3.01
CA LEU A 50 -9.18 -32.71 -4.49
C LEU A 50 -10.38 -33.54 -5.02
N GLY A 51 -10.84 -33.35 -6.27
CA GLY A 51 -11.95 -34.12 -6.82
C GLY A 51 -13.22 -33.88 -6.04
N GLU A 52 -13.42 -32.65 -5.59
CA GLU A 52 -14.61 -32.28 -4.88
C GLU A 52 -15.60 -31.68 -5.82
N HIS A 53 -16.87 -31.90 -5.53
CA HIS A 53 -17.91 -31.28 -6.31
C HIS A 53 -18.95 -30.84 -5.31
N ASN A 54 -19.71 -31.76 -4.71
CA ASN A 54 -20.56 -31.34 -3.62
C ASN A 54 -19.61 -31.36 -2.44
N ILE A 55 -19.18 -30.26 -1.82
CA ILE A 55 -18.25 -30.41 -0.68
C ILE A 55 -18.93 -30.79 0.57
N ASP A 56 -20.23 -30.85 0.60
CA ASP A 56 -20.90 -31.23 1.79
C ASP A 56 -21.09 -32.74 1.93
N VAL A 57 -21.19 -33.54 0.88
CA VAL A 57 -21.33 -34.98 1.11
C VAL A 57 -20.13 -35.76 0.50
N LEU A 58 -19.69 -36.89 1.08
CA LEU A 58 -18.60 -37.64 0.51
C LEU A 58 -19.17 -38.53 -0.60
N GLU A 59 -18.55 -38.41 -1.76
CA GLU A 59 -19.04 -39.07 -2.96
C GLU A 59 -18.04 -40.10 -3.40
N GLY A 60 -17.26 -40.59 -2.43
CA GLY A 60 -16.16 -41.55 -2.66
C GLY A 60 -15.12 -41.23 -3.78
N ASN A 61 -15.17 -40.15 -4.55
CA ASN A 61 -14.18 -39.96 -5.61
C ASN A 61 -13.14 -38.86 -5.25
N GLU A 62 -13.02 -38.54 -3.95
CA GLU A 62 -12.18 -37.43 -3.51
C GLU A 62 -10.91 -37.90 -2.91
N GLN A 63 -9.94 -37.03 -3.00
CA GLN A 63 -8.63 -37.30 -2.44
C GLN A 63 -8.36 -36.25 -1.43
N PHE A 64 -8.09 -36.59 -0.20
CA PHE A 64 -7.72 -35.61 0.79
C PHE A 64 -6.23 -35.78 1.12
N ILE A 65 -5.35 -34.81 0.89
CA ILE A 65 -3.93 -34.99 1.11
C ILE A 65 -3.45 -33.79 1.97
N ASN A 66 -2.65 -33.99 3.03
CA ASN A 66 -2.15 -32.86 3.82
C ASN A 66 -1.13 -32.08 3.07
N ALA A 67 -1.09 -30.79 3.31
CA ALA A 67 -0.01 -29.96 2.79
C ALA A 67 1.23 -30.27 3.60
N ALA A 68 2.38 -30.43 2.95
CA ALA A 68 3.65 -30.61 3.66
C ALA A 68 4.41 -29.33 3.67
N LYS A 69 4.40 -28.61 2.57
CA LYS A 69 5.03 -27.29 2.56
C LYS A 69 4.02 -26.22 2.21
N ILE A 70 3.91 -25.12 2.99
CA ILE A 70 3.11 -23.97 2.60
C ILE A 70 4.06 -22.78 2.46
N ILE A 71 4.32 -22.28 1.26
CA ILE A 71 5.30 -21.20 1.02
C ILE A 71 4.63 -19.96 0.43
N THR A 72 4.47 -18.84 1.15
CA THR A 72 3.85 -17.61 0.61
C THR A 72 4.86 -16.84 -0.25
N HIS A 73 4.46 -16.10 -1.30
CA HIS A 73 5.44 -15.38 -2.10
C HIS A 73 6.19 -14.43 -1.20
N PRO A 74 7.51 -14.42 -1.24
CA PRO A 74 8.37 -13.67 -0.34
C PRO A 74 8.04 -12.19 -0.18
N ASN A 75 7.56 -11.60 -1.24
CA ASN A 75 7.26 -10.19 -1.22
C ASN A 75 5.80 -9.89 -1.00
N PHE A 76 5.02 -10.90 -0.54
CA PHE A 76 3.60 -10.74 -0.31
C PHE A 76 3.36 -9.63 0.66
N ASN A 77 2.44 -8.70 0.41
CA ASN A 77 2.18 -7.67 1.39
C ASN A 77 0.78 -7.83 1.95
N GLY A 78 0.62 -8.11 3.24
CA GLY A 78 -0.70 -8.30 3.83
C GLY A 78 -1.59 -7.05 3.76
N ASN A 79 -1.01 -5.84 3.71
CA ASN A 79 -1.82 -4.60 3.67
C ASN A 79 -2.23 -4.17 2.28
N THR A 80 -1.36 -4.21 1.27
CA THR A 80 -1.73 -3.85 -0.10
C THR A 80 -2.10 -5.04 -1.00
N LEU A 81 -2.04 -6.26 -0.41
CA LEU A 81 -2.21 -7.55 -1.09
C LEU A 81 -1.36 -7.77 -2.35
N ASP A 82 -0.22 -7.09 -2.45
CA ASP A 82 0.65 -7.32 -3.59
C ASP A 82 1.32 -8.68 -3.40
N ASN A 83 1.65 -9.31 -4.53
CA ASN A 83 2.22 -10.67 -4.62
C ASN A 83 1.44 -11.66 -3.75
N ASP A 84 0.15 -11.67 -3.93
CA ASP A 84 -0.70 -12.55 -3.18
C ASP A 84 -0.73 -13.93 -3.86
N ILE A 85 0.31 -14.76 -3.67
CA ILE A 85 0.36 -16.09 -4.28
C ILE A 85 1.10 -17.03 -3.32
N MET A 86 0.75 -18.30 -3.26
CA MET A 86 1.26 -19.26 -2.25
C MET A 86 1.32 -20.62 -2.91
N LEU A 87 2.30 -21.41 -2.58
CA LEU A 87 2.51 -22.71 -3.20
C LEU A 87 2.34 -23.73 -2.09
N ILE A 88 1.55 -24.77 -2.25
CA ILE A 88 1.40 -25.80 -1.25
C ILE A 88 1.95 -27.07 -1.86
N LYS A 89 2.88 -27.76 -1.20
CA LYS A 89 3.38 -29.01 -1.72
C LYS A 89 2.70 -30.04 -0.92
N LEU A 90 2.11 -31.02 -1.61
CA LEU A 90 1.31 -32.07 -0.99
C LEU A 90 2.25 -33.14 -0.43
N SER A 91 1.88 -33.71 0.73
CA SER A 91 2.69 -34.75 1.35
C SER A 91 2.68 -36.07 0.57
N SER A 92 1.91 -36.16 -0.51
CA SER A 92 1.84 -37.33 -1.38
C SER A 92 1.31 -36.76 -2.70
N PRO A 93 1.68 -37.17 -3.89
CA PRO A 93 1.07 -36.72 -5.15
C PRO A 93 -0.37 -37.18 -5.34
N ALA A 94 -1.23 -36.28 -5.81
CA ALA A 94 -2.57 -36.64 -6.11
C ALA A 94 -2.53 -37.62 -7.26
N THR A 95 -3.38 -38.67 -7.25
CA THR A 95 -3.38 -39.62 -8.35
C THR A 95 -4.26 -38.99 -9.38
N LEU A 96 -3.72 -38.70 -10.55
CA LEU A 96 -4.46 -37.96 -11.55
C LEU A 96 -5.34 -38.83 -12.38
N ASN A 97 -6.59 -38.46 -12.42
CA ASN A 97 -7.59 -39.23 -13.12
C ASN A 97 -8.55 -38.20 -13.77
N SER A 98 -9.81 -38.52 -14.08
CA SER A 98 -10.70 -37.53 -14.71
C SER A 98 -11.13 -36.45 -13.72
N ARG A 99 -11.46 -36.87 -12.50
CA ARG A 99 -11.88 -35.99 -11.44
C ARG A 99 -10.75 -35.11 -10.95
N VAL A 100 -9.47 -35.46 -11.19
CA VAL A 100 -8.37 -34.70 -10.60
C VAL A 100 -7.38 -34.35 -11.68
N ALA A 101 -7.08 -33.09 -11.95
CA ALA A 101 -6.19 -32.79 -13.05
C ALA A 101 -5.48 -31.47 -12.92
N THR A 102 -4.42 -31.33 -13.69
CA THR A 102 -3.53 -30.19 -13.66
C THR A 102 -3.96 -29.02 -14.55
N VAL A 103 -3.83 -27.74 -14.10
CA VAL A 103 -4.03 -26.57 -15.02
C VAL A 103 -2.64 -26.24 -15.55
N SER A 104 -2.53 -25.49 -16.63
CA SER A 104 -1.24 -25.15 -17.16
C SER A 104 -0.88 -23.73 -16.74
N LEU A 105 0.38 -23.45 -16.43
CA LEU A 105 0.76 -22.07 -16.19
C LEU A 105 0.80 -21.32 -17.52
N PRO A 106 0.73 -19.99 -17.55
CA PRO A 106 0.67 -19.20 -18.78
C PRO A 106 1.85 -19.25 -19.74
N ARG A 107 1.59 -19.48 -21.02
CA ARG A 107 2.60 -19.25 -22.06
C ARG A 107 2.80 -17.71 -22.14
N SER A 108 1.74 -16.94 -21.81
CA SER A 108 1.82 -15.48 -21.80
C SER A 108 0.69 -14.91 -20.96
N CYS A 109 0.57 -13.59 -20.89
CA CYS A 109 -0.53 -12.97 -20.19
C CYS A 109 -1.78 -12.83 -21.06
N ALA A 110 -2.92 -12.80 -20.36
CA ALA A 110 -4.21 -12.57 -20.99
C ALA A 110 -4.28 -11.13 -21.43
N ALA A 111 -5.02 -10.86 -22.50
CA ALA A 111 -5.13 -9.52 -23.04
C ALA A 111 -6.52 -9.07 -22.74
N ALA A 112 -6.69 -7.80 -22.38
CA ALA A 112 -7.99 -7.28 -22.00
C ALA A 112 -9.09 -7.68 -22.99
N GLY A 113 -10.02 -8.52 -22.54
CA GLY A 113 -11.07 -9.00 -23.39
C GLY A 113 -11.26 -10.49 -23.24
N THR A 114 -10.17 -11.26 -23.21
CA THR A 114 -10.22 -12.72 -23.07
C THR A 114 -11.24 -13.18 -22.04
N GLU A 115 -12.10 -14.12 -22.37
CA GLU A 115 -13.05 -14.62 -21.39
C GLU A 115 -12.41 -15.76 -20.62
N CYS A 116 -12.82 -15.89 -19.40
CA CYS A 116 -12.25 -16.87 -18.54
C CYS A 116 -13.34 -17.54 -17.75
N LEU A 117 -12.99 -18.63 -17.08
CA LEU A 117 -13.93 -19.27 -16.21
C LEU A 117 -13.38 -19.16 -14.76
N ILE A 118 -14.11 -18.56 -13.87
CA ILE A 118 -13.73 -18.45 -12.45
C ILE A 118 -14.56 -19.52 -11.77
N SER A 119 -14.11 -20.12 -10.65
CA SER A 119 -14.87 -21.20 -9.99
C SER A 119 -14.62 -21.26 -8.50
N GLY A 120 -15.60 -21.61 -7.67
CA GLY A 120 -15.34 -21.74 -6.24
C GLY A 120 -16.58 -22.12 -5.46
N TRP A 121 -16.41 -22.46 -4.19
CA TRP A 121 -17.55 -22.77 -3.32
C TRP A 121 -17.85 -21.58 -2.41
N GLY A 122 -17.54 -20.38 -2.83
CA GLY A 122 -17.76 -19.22 -1.96
C GLY A 122 -19.18 -18.66 -2.11
N ASN A 123 -19.53 -17.68 -1.30
CA ASN A 123 -20.85 -17.02 -1.24
C ASN A 123 -21.49 -16.74 -2.58
N THR A 124 -22.81 -16.73 -2.63
CA THR A 124 -23.54 -16.47 -3.87
C THR A 124 -24.41 -15.24 -3.80
N LYS A 125 -24.30 -14.46 -2.71
CA LYS A 125 -25.12 -13.30 -2.55
C LYS A 125 -24.28 -12.06 -2.29
N SER A 126 -24.50 -11.05 -3.16
CA SER A 126 -23.84 -9.76 -3.00
C SER A 126 -24.40 -9.10 -1.76
N SER A 127 -25.69 -9.28 -1.56
CA SER A 127 -26.27 -8.81 -0.37
C SER A 127 -26.80 -10.00 0.39
N GLY A 128 -25.95 -10.48 1.30
CA GLY A 128 -26.30 -11.55 2.20
C GLY A 128 -25.37 -12.67 1.95
N SER A 129 -25.73 -13.88 2.37
CA SER A 129 -24.84 -14.98 2.13
C SER A 129 -25.49 -16.32 2.01
N SER A 130 -25.16 -17.04 0.97
CA SER A 130 -25.60 -18.39 0.81
C SER A 130 -24.35 -19.06 0.41
N TYR A 131 -24.12 -20.21 0.97
CA TYR A 131 -22.93 -20.93 0.65
C TYR A 131 -23.27 -22.29 0.03
N PRO A 132 -22.92 -22.47 -1.25
CA PRO A 132 -23.41 -23.53 -2.08
C PRO A 132 -22.68 -24.82 -1.78
N SER A 133 -23.32 -25.95 -1.95
CA SER A 133 -22.64 -27.20 -1.79
C SER A 133 -21.85 -27.47 -3.05
N LEU A 134 -22.45 -27.12 -4.19
CA LEU A 134 -21.86 -27.45 -5.43
C LEU A 134 -21.04 -26.29 -5.95
N LEU A 135 -19.97 -26.71 -6.60
CA LEU A 135 -19.02 -25.84 -7.22
C LEU A 135 -19.70 -24.92 -8.20
N GLN A 136 -19.47 -23.61 -8.05
CA GLN A 136 -20.09 -22.63 -8.95
C GLN A 136 -19.09 -22.16 -9.98
N CYS A 137 -19.53 -21.85 -11.18
CA CYS A 137 -18.63 -21.45 -12.25
C CYS A 137 -19.17 -20.11 -12.75
N LEU A 138 -18.33 -19.28 -13.40
CA LEU A 138 -18.71 -17.98 -13.92
C LEU A 138 -17.79 -17.65 -15.08
N LYS A 139 -18.38 -17.20 -16.17
CA LYS A 139 -17.60 -16.76 -17.30
C LYS A 139 -17.51 -15.27 -17.19
N ALA A 140 -16.33 -14.72 -17.32
CA ALA A 140 -16.14 -13.30 -17.18
C ALA A 140 -14.90 -12.96 -17.96
N PRO A 141 -14.79 -11.77 -18.52
CA PRO A 141 -13.62 -11.34 -19.30
C PRO A 141 -12.58 -10.63 -18.45
N VAL A 142 -11.34 -10.54 -18.95
CA VAL A 142 -10.34 -9.72 -18.26
C VAL A 142 -10.54 -8.25 -18.70
N LEU A 143 -10.58 -7.35 -17.72
CA LEU A 143 -10.74 -5.95 -17.96
C LEU A 143 -9.40 -5.31 -18.22
N SER A 144 -9.46 -4.10 -18.75
CA SER A 144 -8.24 -3.41 -19.06
C SER A 144 -7.67 -2.89 -17.77
N ASP A 145 -6.35 -2.94 -17.66
CA ASP A 145 -5.69 -2.40 -16.51
C ASP A 145 -6.13 -0.97 -16.28
N SER A 146 -6.40 -0.26 -17.36
CA SER A 146 -6.94 1.08 -17.31
C SER A 146 -8.31 1.12 -16.61
N SER A 147 -9.28 0.19 -16.93
CA SER A 147 -10.58 0.13 -16.23
C SER A 147 -10.33 -0.25 -14.79
N CYS A 148 -9.41 -1.21 -14.59
CA CYS A 148 -9.13 -1.76 -13.29
C CYS A 148 -8.63 -0.68 -12.33
N LYS A 149 -7.69 0.13 -12.83
CA LYS A 149 -7.13 1.20 -12.05
C LYS A 149 -8.14 2.28 -11.83
N SER A 150 -8.92 2.68 -12.85
CA SER A 150 -9.92 3.69 -12.61
C SER A 150 -10.95 3.23 -11.61
N ALA A 151 -11.23 1.90 -11.52
CA ALA A 151 -12.20 1.35 -10.55
C ALA A 151 -11.63 1.29 -9.13
N TYR A 152 -10.30 1.13 -8.96
CA TYR A 152 -9.70 1.02 -7.62
C TYR A 152 -8.39 1.82 -7.55
N PRO A 153 -8.38 3.11 -7.26
CA PRO A 153 -7.24 3.98 -7.57
C PRO A 153 -6.21 3.98 -6.47
N GLY A 154 -4.94 3.95 -6.84
CA GLY A 154 -3.88 3.92 -5.85
C GLY A 154 -3.68 2.50 -5.28
N GLN A 155 -4.55 1.55 -5.66
CA GLN A 155 -4.50 0.21 -5.10
C GLN A 155 -4.04 -0.89 -6.05
N ILE A 156 -4.24 -0.75 -7.35
CA ILE A 156 -4.00 -1.85 -8.28
C ILE A 156 -2.59 -1.78 -8.68
N THR A 157 -1.79 -2.77 -8.34
CA THR A 157 -0.40 -2.72 -8.73
C THR A 157 -0.23 -3.43 -10.08
N GLY A 158 0.98 -3.73 -10.55
CA GLY A 158 1.15 -4.39 -11.85
C GLY A 158 1.19 -5.90 -11.72
N ASN A 159 0.73 -6.42 -10.57
CA ASN A 159 0.64 -7.88 -10.35
C ASN A 159 -0.79 -8.24 -10.08
N MET A 160 -1.74 -7.36 -10.45
CA MET A 160 -3.16 -7.54 -10.17
C MET A 160 -3.95 -7.25 -11.45
N ILE A 161 -4.94 -8.10 -11.78
CA ILE A 161 -5.81 -7.86 -12.93
C ILE A 161 -7.25 -7.83 -12.46
N CYS A 162 -8.13 -7.02 -13.08
CA CYS A 162 -9.54 -7.04 -12.74
C CYS A 162 -10.24 -7.97 -13.72
N VAL A 163 -11.06 -8.88 -13.25
CA VAL A 163 -11.80 -9.76 -14.16
C VAL A 163 -13.24 -9.63 -13.70
N GLY A 164 -14.20 -9.49 -14.58
CA GLY A 164 -15.57 -9.35 -14.14
C GLY A 164 -16.32 -8.34 -14.98
N PHE A 165 -17.32 -7.72 -14.40
CA PHE A 165 -18.19 -6.83 -15.13
C PHE A 165 -18.36 -5.57 -14.36
N LEU A 166 -18.13 -4.47 -15.07
CA LEU A 166 -18.27 -3.13 -14.48
C LEU A 166 -19.70 -2.80 -14.04
N GLU A 167 -20.64 -3.58 -14.54
CA GLU A 167 -22.06 -3.37 -14.28
C GLU A 167 -22.54 -4.25 -13.16
N GLY A 168 -21.61 -5.00 -12.56
CA GLY A 168 -21.89 -5.73 -11.35
C GLY A 168 -22.71 -6.97 -11.62
N GLY A 169 -23.34 -7.50 -10.56
CA GLY A 169 -24.18 -8.68 -10.70
C GLY A 169 -23.44 -10.01 -10.75
N LYS A 170 -22.29 -10.14 -11.40
CA LYS A 170 -21.58 -11.42 -11.45
C LYS A 170 -20.16 -11.24 -10.97
N ASP A 171 -19.67 -12.05 -10.01
CA ASP A 171 -18.31 -11.85 -9.46
C ASP A 171 -17.91 -13.03 -8.56
N SER A 172 -16.65 -13.08 -8.12
CA SER A 172 -16.24 -14.02 -7.08
C SER A 172 -16.57 -13.39 -5.74
N CYS A 173 -16.57 -14.11 -4.65
CA CYS A 173 -16.94 -13.48 -3.39
C CYS A 173 -16.29 -14.27 -2.23
N GLN A 174 -16.54 -13.96 -0.95
CA GLN A 174 -15.88 -14.64 0.15
C GLN A 174 -16.14 -16.10 0.10
N GLY A 175 -15.06 -16.81 0.30
CA GLY A 175 -15.04 -18.25 0.20
C GLY A 175 -14.40 -18.68 -1.13
N ASP A 176 -14.22 -17.78 -2.09
CA ASP A 176 -13.70 -18.15 -3.36
C ASP A 176 -12.22 -17.92 -3.47
N SER A 177 -11.62 -17.22 -2.47
CA SER A 177 -10.20 -16.82 -2.52
C SER A 177 -9.25 -17.93 -2.76
N GLY A 178 -8.38 -17.70 -3.70
CA GLY A 178 -7.36 -18.67 -3.96
C GLY A 178 -7.67 -19.47 -5.15
N GLY A 179 -8.94 -19.39 -5.57
CA GLY A 179 -9.47 -20.18 -6.69
C GLY A 179 -8.86 -19.75 -8.00
N PRO A 180 -9.06 -20.53 -9.10
CA PRO A 180 -8.51 -20.28 -10.43
C PRO A 180 -9.36 -19.35 -11.28
N VAL A 181 -8.68 -18.56 -12.13
CA VAL A 181 -9.30 -17.82 -13.21
C VAL A 181 -8.55 -18.35 -14.40
N VAL A 182 -9.17 -19.29 -15.10
CA VAL A 182 -8.53 -19.95 -16.21
C VAL A 182 -9.05 -19.36 -17.51
N CYS A 183 -8.14 -18.96 -18.39
CA CYS A 183 -8.53 -18.38 -19.66
C CYS A 183 -7.84 -19.21 -20.68
N ASN A 184 -8.46 -19.52 -21.83
CA ASN A 184 -7.83 -20.37 -22.89
C ASN A 184 -7.12 -21.68 -22.43
N GLY A 185 -7.47 -22.22 -21.24
CA GLY A 185 -6.88 -23.47 -20.73
C GLY A 185 -5.62 -23.23 -19.92
N GLN A 186 -5.40 -21.95 -19.50
CA GLN A 186 -4.18 -21.53 -18.80
C GLN A 186 -4.59 -20.79 -17.59
N LEU A 187 -3.91 -20.98 -16.45
CA LEU A 187 -4.30 -20.29 -15.22
C LEU A 187 -3.78 -18.87 -15.26
N GLN A 188 -4.63 -17.86 -15.54
CA GLN A 188 -4.18 -16.46 -15.57
C GLN A 188 -4.44 -15.70 -14.29
N GLY A 189 -5.30 -16.16 -13.37
CA GLY A 189 -5.57 -15.37 -12.17
C GLY A 189 -5.90 -16.22 -10.96
N ILE A 190 -5.71 -15.60 -9.79
CA ILE A 190 -6.00 -16.22 -8.51
C ILE A 190 -6.97 -15.28 -7.80
N VAL A 191 -8.10 -15.74 -7.21
CA VAL A 191 -9.01 -14.77 -6.61
C VAL A 191 -8.47 -14.26 -5.29
N SER A 192 -8.45 -12.92 -5.23
CA SER A 192 -7.74 -12.22 -4.22
C SER A 192 -8.60 -11.34 -3.33
N TRP A 193 -9.06 -10.19 -3.80
CA TRP A 193 -9.78 -9.25 -2.95
C TRP A 193 -10.75 -8.43 -3.80
N GLY A 194 -11.50 -7.54 -3.17
CA GLY A 194 -12.39 -6.69 -3.92
C GLY A 194 -13.14 -5.84 -2.94
N TYR A 195 -13.83 -4.84 -3.45
CA TYR A 195 -14.69 -4.04 -2.61
C TYR A 195 -16.04 -4.72 -2.68
N GLY A 196 -16.46 -5.37 -1.58
CA GLY A 196 -17.74 -6.14 -1.58
C GLY A 196 -17.83 -7.15 -2.75
N CYS A 197 -19.00 -7.67 -3.03
CA CYS A 197 -19.08 -8.59 -4.14
C CYS A 197 -20.12 -8.14 -5.13
N ALA A 198 -19.80 -8.30 -6.41
CA ALA A 198 -20.72 -8.01 -7.49
C ALA A 198 -21.31 -6.60 -7.47
N GLN A 199 -20.57 -5.68 -6.86
CA GLN A 199 -20.99 -4.29 -6.74
C GLN A 199 -20.86 -3.58 -8.07
N LYS A 200 -21.56 -2.46 -8.25
CA LYS A 200 -21.42 -1.74 -9.50
C LYS A 200 -20.07 -1.05 -9.45
N ASN A 201 -19.39 -1.14 -10.56
CA ASN A 201 -18.08 -0.56 -10.76
C ASN A 201 -16.95 -1.15 -9.99
N LYS A 202 -17.23 -2.28 -9.34
CA LYS A 202 -16.22 -2.94 -8.55
C LYS A 202 -16.07 -4.40 -9.00
N PRO A 203 -15.14 -4.66 -9.91
CA PRO A 203 -14.85 -6.01 -10.34
C PRO A 203 -13.74 -6.65 -9.54
N GLY A 204 -13.75 -7.98 -9.48
CA GLY A 204 -12.77 -8.69 -8.73
C GLY A 204 -11.37 -8.42 -9.19
N VAL A 205 -10.48 -8.29 -8.20
CA VAL A 205 -9.08 -8.15 -8.44
C VAL A 205 -8.48 -9.52 -8.18
N TYR A 206 -7.67 -9.98 -9.11
CA TYR A 206 -7.10 -11.29 -9.08
C TYR A 206 -5.56 -11.16 -9.23
N THR A 207 -4.80 -12.04 -8.61
CA THR A 207 -3.37 -12.03 -8.74
C THR A 207 -2.98 -12.35 -10.17
N LYS A 208 -2.08 -11.59 -10.79
CA LYS A 208 -1.70 -11.78 -12.18
C LYS A 208 -0.67 -12.90 -12.30
N VAL A 209 -1.11 -14.13 -12.57
CA VAL A 209 -0.20 -15.23 -12.53
C VAL A 209 0.87 -15.19 -13.60
N CYS A 210 0.69 -14.56 -14.76
CA CYS A 210 1.79 -14.59 -15.73
C CYS A 210 3.10 -13.97 -15.19
N ASN A 211 2.99 -13.03 -14.21
CA ASN A 211 4.15 -12.41 -13.57
C ASN A 211 4.98 -13.35 -12.69
N TYR A 212 4.44 -14.51 -12.31
CA TYR A 212 5.13 -15.33 -11.33
C TYR A 212 5.57 -16.67 -11.86
N VAL A 213 5.37 -16.97 -13.15
CA VAL A 213 5.71 -18.29 -13.68
C VAL A 213 7.12 -18.79 -13.34
N ASN A 214 8.15 -17.99 -13.51
CA ASN A 214 9.48 -18.43 -13.11
C ASN A 214 9.63 -18.57 -11.65
N TRP A 215 8.90 -17.82 -10.82
CA TRP A 215 9.02 -18.02 -9.39
C TRP A 215 8.45 -19.40 -9.05
N ILE A 216 7.34 -19.74 -9.73
CA ILE A 216 6.69 -21.00 -9.47
C ILE A 216 7.65 -22.10 -9.87
N GLN A 217 8.24 -21.98 -11.07
CA GLN A 217 9.20 -22.96 -11.56
C GLN A 217 10.37 -23.20 -10.61
N GLN A 218 10.91 -22.08 -10.18
CA GLN A 218 12.04 -22.01 -9.31
C GLN A 218 11.73 -22.63 -7.94
N THR A 219 10.55 -22.42 -7.39
CA THR A 219 10.28 -22.93 -6.08
C THR A 219 9.99 -24.42 -6.14
N ILE A 220 9.26 -24.84 -7.16
CA ILE A 220 8.93 -26.26 -7.34
C ILE A 220 10.23 -27.10 -7.53
N ALA A 221 11.12 -26.59 -8.38
CA ALA A 221 12.39 -27.26 -8.62
C ALA A 221 13.38 -27.13 -7.46
N ALA A 222 13.30 -26.09 -6.64
CA ALA A 222 14.21 -25.97 -5.53
C ALA A 222 13.66 -26.59 -4.26
N ASN A 223 12.50 -27.28 -4.22
CA ASN A 223 11.93 -27.81 -2.96
C ASN A 223 11.43 -29.22 -3.12
N CYS B 12 -12.82 2.14 18.20
CA CYS B 12 -12.78 1.56 16.91
C CYS B 12 -11.33 1.61 16.48
N CYS B 13 -10.81 2.44 15.55
CA CYS B 13 -9.41 2.29 15.08
C CYS B 13 -8.26 2.24 16.12
N ASP B 14 -7.39 1.25 15.96
CA ASP B 14 -6.28 1.11 16.86
C ASP B 14 -5.03 1.63 16.24
N SER B 15 -4.80 1.31 14.98
CA SER B 15 -3.66 1.81 14.28
C SER B 15 -4.15 2.87 13.31
N CYS B 16 -3.58 4.10 13.37
CA CYS B 16 -3.94 5.15 12.41
C CYS B 16 -2.65 5.87 12.06
N ASP B 17 -2.51 6.13 10.78
CA ASP B 17 -1.29 6.63 10.21
C ASP B 17 -1.67 8.00 9.70
N CYS B 18 -1.26 9.13 10.31
CA CYS B 18 -1.63 10.41 9.73
C CYS B 18 -0.39 11.07 9.21
N THR B 19 -0.54 11.80 8.12
CA THR B 19 0.52 12.65 7.64
C THR B 19 0.69 13.85 8.57
N LYS B 20 1.79 14.54 8.41
CA LYS B 20 2.10 15.65 9.29
C LYS B 20 1.91 16.92 8.48
N SER B 21 0.54 17.14 8.22
CA SER B 21 0.08 18.31 7.50
C SER B 21 -0.99 19.02 8.34
N LYS B 22 -1.29 20.30 8.14
CA LYS B 22 -2.43 20.89 8.79
C LYS B 22 -3.43 21.02 7.65
N PRO B 23 -4.63 20.34 7.64
CA PRO B 23 -5.00 19.20 8.52
C PRO B 23 -4.27 17.92 8.15
N PRO B 24 -4.20 16.88 9.02
CA PRO B 24 -3.54 15.64 8.71
C PRO B 24 -4.42 14.86 7.80
N GLN B 25 -3.83 14.06 6.96
CA GLN B 25 -4.59 13.15 6.10
C GLN B 25 -4.44 11.80 6.84
N CYS B 26 -5.53 11.18 7.34
CA CYS B 26 -5.40 9.99 8.15
C CYS B 26 -6.00 8.75 7.54
N HIS B 27 -5.38 7.60 7.82
CA HIS B 27 -5.78 6.30 7.33
C HIS B 27 -5.91 5.35 8.54
N CYS B 28 -6.74 4.31 8.51
CA CYS B 28 -6.75 3.33 9.59
C CYS B 28 -6.20 2.06 9.02
N ALA B 29 -5.23 1.50 9.74
CA ALA B 29 -4.45 0.37 9.23
C ALA B 29 -4.89 -1.01 9.67
N ASN B 30 -5.94 -1.04 10.48
CA ASN B 30 -6.47 -2.27 11.10
C ASN B 30 -6.99 -3.30 10.10
N ILE B 31 -6.47 -4.55 10.03
CA ILE B 31 -7.17 -5.59 9.25
C ILE B 31 -8.20 -6.29 10.18
N ARG B 32 -9.48 -6.14 9.92
CA ARG B 32 -10.52 -6.67 10.77
C ARG B 32 -11.30 -7.82 10.18
N LEU B 33 -11.96 -8.48 11.09
CA LEU B 33 -12.54 -9.75 10.82
C LEU B 33 -13.81 -9.55 10.08
N ASN B 34 -13.90 -9.97 8.81
CA ASN B 34 -15.18 -9.94 8.01
C ASN B 34 -15.76 -8.56 7.71
N SER B 35 -15.37 -7.56 8.53
CA SER B 35 -15.92 -6.23 8.49
C SER B 35 -14.81 -5.20 8.52
N CYS B 36 -15.15 -4.00 8.08
CA CYS B 36 -14.35 -2.84 8.38
C CYS B 36 -15.39 -2.22 9.34
N HIS B 37 -16.07 -1.18 9.05
CA HIS B 37 -16.98 -0.66 10.01
C HIS B 37 -18.24 -0.30 9.31
N SER B 38 -19.16 0.47 9.91
CA SER B 38 -20.33 0.91 9.17
C SER B 38 -20.07 2.28 8.59
N ALA B 39 -19.23 3.07 9.31
CA ALA B 39 -18.74 4.31 8.76
C ALA B 39 -17.46 3.89 8.07
N CYS B 40 -17.58 3.73 6.75
CA CYS B 40 -16.46 3.42 5.90
C CYS B 40 -17.04 3.28 4.56
N LYS B 41 -16.46 4.03 3.66
CA LYS B 41 -16.94 4.05 2.28
C LYS B 41 -15.94 3.39 1.35
N SER B 42 -14.87 2.83 1.84
CA SER B 42 -13.91 2.24 0.96
C SER B 42 -13.31 1.07 1.69
N CYS B 43 -14.04 -0.05 1.65
CA CYS B 43 -13.67 -1.26 2.40
C CYS B 43 -13.22 -2.34 1.44
N ILE B 44 -11.99 -2.82 1.60
CA ILE B 44 -11.51 -3.86 0.73
C ILE B 44 -11.50 -5.09 1.58
N CYS B 45 -11.95 -6.21 1.05
CA CYS B 45 -11.84 -7.45 1.76
C CYS B 45 -11.22 -8.47 0.85
N THR B 46 -10.43 -9.35 1.42
CA THR B 46 -9.95 -10.51 0.66
C THR B 46 -11.09 -11.50 0.48
N ARG B 47 -11.04 -12.42 -0.45
CA ARG B 47 -12.19 -13.31 -0.64
C ARG B 47 -11.86 -14.73 -0.18
N SER B 48 -11.61 -14.66 1.24
CA SER B 48 -11.34 -15.82 2.07
C SER B 48 -12.56 -16.07 2.94
N MET B 49 -12.57 -17.10 3.76
CA MET B 49 -13.70 -17.36 4.57
C MET B 49 -13.16 -17.62 5.94
N PRO B 50 -13.11 -16.65 6.86
CA PRO B 50 -13.69 -15.29 6.75
C PRO B 50 -12.85 -14.33 5.93
N GLY B 51 -13.33 -13.11 5.67
CA GLY B 51 -12.55 -12.16 4.89
C GLY B 51 -11.68 -11.34 5.80
N LYS B 52 -10.46 -11.00 5.35
CA LYS B 52 -9.60 -10.04 6.10
C LYS B 52 -9.96 -8.64 5.53
N CYS B 53 -10.68 -7.79 6.25
CA CYS B 53 -11.09 -6.52 5.68
C CYS B 53 -10.37 -5.32 6.25
N ARG B 54 -10.06 -4.32 5.39
CA ARG B 54 -9.35 -3.09 5.76
C ARG B 54 -10.14 -1.86 5.22
N CYS B 55 -10.32 -0.75 5.94
CA CYS B 55 -11.05 0.40 5.45
C CYS B 55 -10.07 1.39 4.91
N LEU B 56 -10.05 1.61 3.60
CA LEU B 56 -9.15 2.55 2.95
C LEU B 56 -9.52 4.03 3.04
N ASP B 57 -10.44 4.41 3.94
CA ASP B 57 -10.94 5.80 4.06
C ASP B 57 -9.87 6.79 4.38
N THR B 58 -9.96 8.04 3.92
CA THR B 58 -9.04 9.06 4.43
C THR B 58 -9.82 10.21 5.06
N ASP B 59 -9.46 10.58 6.29
CA ASP B 59 -10.15 11.62 7.00
C ASP B 59 -9.12 12.58 7.52
N ASP B 60 -9.39 13.87 7.38
CA ASP B 60 -8.45 14.85 7.81
C ASP B 60 -8.68 15.15 9.23
N PHE B 61 -8.19 14.17 10.00
CA PHE B 61 -8.13 14.04 11.48
C PHE B 61 -8.35 12.53 11.70
N CYS B 62 -8.11 11.91 12.88
CA CYS B 62 -8.02 10.45 12.95
C CYS B 62 -8.71 9.74 14.10
N TYR B 63 -9.97 9.27 13.94
CA TYR B 63 -10.66 8.61 15.05
C TYR B 63 -11.53 7.43 14.62
N LYS B 64 -12.76 7.67 14.17
CA LYS B 64 -13.68 6.60 13.87
C LYS B 64 -14.56 6.98 12.67
N PRO B 65 -14.56 6.26 11.54
CA PRO B 65 -14.89 4.83 11.39
C PRO B 65 -15.28 3.91 12.54
N CYS B 66 -16.59 3.67 12.63
CA CYS B 66 -17.18 2.70 13.55
C CYS B 66 -18.42 2.15 12.83
N ILE C 1 7.58 20.37 16.41
CA ILE C 1 8.60 19.39 16.63
C ILE C 1 8.37 19.04 18.08
N VAL C 2 8.20 17.78 18.50
CA VAL C 2 7.93 17.52 19.92
C VAL C 2 9.28 17.34 20.55
N GLY C 3 9.50 18.17 21.58
CA GLY C 3 10.71 18.08 22.35
C GLY C 3 11.98 18.52 21.64
N GLY C 4 11.96 19.57 20.82
CA GLY C 4 13.20 20.05 20.18
C GLY C 4 13.53 21.42 20.75
N TYR C 5 14.49 22.20 20.18
CA TYR C 5 14.79 23.57 20.68
C TYR C 5 14.43 24.70 19.70
N THR C 6 14.26 25.93 20.18
CA THR C 6 14.10 27.07 19.28
C THR C 6 15.42 27.19 18.48
N CYS C 7 15.29 27.26 17.17
CA CYS C 7 16.43 27.18 16.29
C CYS C 7 17.53 28.20 16.31
N ALA C 8 17.28 29.45 16.73
CA ALA C 8 18.28 30.54 16.67
C ALA C 8 18.44 31.08 15.27
N ALA C 9 18.62 32.39 15.23
CA ALA C 9 18.62 33.15 14.01
C ALA C 9 19.57 32.67 12.97
N ASN C 10 19.07 32.70 11.73
CA ASN C 10 19.83 32.32 10.51
C ASN C 10 20.54 30.96 10.62
N SER C 11 19.93 30.06 11.36
CA SER C 11 20.46 28.76 11.57
C SER C 11 19.92 27.82 10.48
N VAL C 12 18.67 27.96 10.10
CA VAL C 12 18.13 27.05 9.14
C VAL C 12 17.66 27.82 7.92
N PRO C 13 18.55 28.44 7.06
CA PRO C 13 18.15 29.37 5.96
C PRO C 13 17.39 28.74 4.76
N TYR C 14 17.43 27.41 4.63
CA TYR C 14 16.74 26.72 3.54
C TYR C 14 15.33 26.37 3.91
N GLN C 15 14.97 26.56 5.17
CA GLN C 15 13.63 26.26 5.59
C GLN C 15 12.68 27.19 4.89
N VAL C 16 11.63 26.59 4.39
CA VAL C 16 10.57 27.27 3.66
C VAL C 16 9.28 26.89 4.38
N SER C 17 8.30 27.75 4.34
CA SER C 17 6.99 27.48 4.92
C SER C 17 5.98 27.50 3.76
N LEU C 18 5.11 26.51 3.52
CA LEU C 18 4.11 26.65 2.48
C LEU C 18 2.83 27.22 3.08
N ASN C 19 2.32 28.30 2.47
CA ASN C 19 1.17 29.04 3.01
C ASN C 19 0.01 29.12 2.03
N SER C 20 -1.22 28.88 2.45
CA SER C 20 -2.39 29.15 1.60
C SER C 20 -3.50 29.62 2.55
N GLY C 21 -3.22 30.77 3.12
CA GLY C 21 -4.03 31.30 4.17
C GLY C 21 -3.12 31.32 5.36
N SER C 22 -2.60 30.14 5.65
CA SER C 22 -1.70 29.95 6.74
C SER C 22 -0.76 28.79 6.48
N HIS C 23 0.27 28.71 7.32
CA HIS C 23 1.24 27.65 7.25
C HIS C 23 0.49 26.36 7.26
N PHE C 24 0.69 25.51 6.29
CA PHE C 24 0.10 24.19 6.37
C PHE C 24 1.18 23.14 6.32
N CYS C 25 2.33 23.44 5.71
CA CYS C 25 3.43 22.48 5.57
C CYS C 25 4.72 23.30 5.44
N GLY C 26 5.91 22.67 5.33
CA GLY C 26 7.17 23.38 5.14
C GLY C 26 7.88 22.83 3.89
N GLY C 27 9.11 23.23 3.65
CA GLY C 27 9.86 22.73 2.52
C GLY C 27 11.28 23.27 2.59
N SER C 28 12.13 22.89 1.64
CA SER C 28 13.51 23.33 1.60
C SER C 28 13.88 24.10 0.32
N LEU C 29 14.67 25.19 0.38
CA LEU C 29 15.14 25.86 -0.84
C LEU C 29 16.29 25.08 -1.39
N ILE C 30 16.21 24.55 -2.63
CA ILE C 30 17.36 23.77 -3.17
C ILE C 30 18.20 24.47 -4.23
N ASN C 31 17.65 25.54 -4.78
CA ASN C 31 18.38 26.47 -5.64
C ASN C 31 17.56 27.74 -5.67
N SER C 32 17.89 28.83 -6.31
CA SER C 32 17.13 30.03 -6.13
C SER C 32 15.71 29.98 -6.62
N GLN C 33 15.39 29.03 -7.52
CA GLN C 33 14.05 28.94 -8.09
C GLN C 33 13.20 27.68 -7.76
N TRP C 34 13.74 26.67 -7.06
CA TRP C 34 12.99 25.43 -6.87
C TRP C 34 12.99 25.01 -5.40
N VAL C 35 11.81 24.74 -4.85
CA VAL C 35 11.66 24.28 -3.48
C VAL C 35 11.27 22.79 -3.50
N VAL C 36 11.80 21.96 -2.61
CA VAL C 36 11.38 20.56 -2.55
C VAL C 36 10.49 20.37 -1.30
N SER C 37 9.32 19.73 -1.40
CA SER C 37 8.44 19.51 -0.26
C SER C 37 7.92 18.08 -0.36
N ALA C 38 6.77 17.77 0.23
CA ALA C 38 6.25 16.45 0.19
C ALA C 38 4.98 16.44 -0.67
N ALA C 39 4.77 15.42 -1.52
CA ALA C 39 3.60 15.36 -2.39
C ALA C 39 2.22 15.43 -1.72
N HIS C 40 2.06 14.93 -0.50
CA HIS C 40 0.76 15.07 0.17
C HIS C 40 0.50 16.49 0.69
N CYS C 41 1.35 17.48 0.39
CA CYS C 41 1.06 18.85 0.79
C CYS C 41 0.47 19.63 -0.36
N TYR C 42 0.25 18.98 -1.50
CA TYR C 42 -0.24 19.61 -2.69
C TYR C 42 -1.55 20.30 -2.46
N LYS C 43 -1.51 21.55 -2.93
CA LYS C 43 -2.68 22.44 -3.12
C LYS C 43 -2.42 23.04 -4.48
N SER C 44 -3.43 23.45 -5.18
CA SER C 44 -3.20 24.40 -6.25
C SER C 44 -3.10 25.68 -5.41
N ARG C 45 -2.30 26.70 -5.76
CA ARG C 45 -2.09 27.91 -4.88
C ARG C 45 -1.32 27.58 -3.61
N ILE C 46 -0.05 27.94 -3.64
CA ILE C 46 0.79 27.82 -2.50
C ILE C 46 1.57 29.14 -2.61
N GLN C 47 1.85 29.79 -1.49
CA GLN C 47 2.70 30.91 -1.42
C GLN C 47 3.87 30.47 -0.65
N VAL C 48 5.08 30.62 -1.16
CA VAL C 48 6.26 30.19 -0.43
C VAL C 48 6.75 31.33 0.47
N ARG C 49 6.97 31.14 1.78
CA ARG C 49 7.49 32.21 2.63
C ARG C 49 8.84 31.74 3.05
N LEU C 50 9.83 32.49 2.58
CA LEU C 50 11.29 32.28 2.77
C LEU C 50 11.87 33.26 3.84
N GLY C 51 12.98 32.92 4.53
CA GLY C 51 13.59 33.80 5.52
C GLY C 51 12.63 34.04 6.67
N GLU C 52 11.87 33.03 7.05
CA GLU C 52 10.96 33.11 8.16
C GLU C 52 11.63 32.60 9.40
N HIS C 53 11.42 33.30 10.51
CA HIS C 53 11.90 32.82 11.80
C HIS C 53 10.65 32.79 12.70
N ASN C 54 10.13 33.91 13.15
CA ASN C 54 8.87 33.95 13.87
C ASN C 54 7.84 33.99 12.78
N ILE C 55 7.02 32.99 12.48
CA ILE C 55 6.06 33.14 11.37
C ILE C 55 4.87 33.94 11.74
N ASP C 56 4.72 34.32 12.98
CA ASP C 56 3.59 35.10 13.34
C ASP C 56 3.81 36.60 13.19
N VAL C 57 5.02 37.15 13.29
CA VAL C 57 5.13 38.60 13.08
C VAL C 57 6.04 38.91 11.86
N LEU C 58 5.80 40.00 11.11
CA LEU C 58 6.66 40.32 9.98
C LEU C 58 7.88 41.05 10.52
N GLU C 59 9.04 40.55 10.15
CA GLU C 59 10.30 41.04 10.67
C GLU C 59 11.09 41.68 9.58
N GLY C 60 10.36 42.16 8.54
CA GLY C 60 10.95 42.75 7.33
C GLY C 60 12.07 41.95 6.57
N ASN C 61 12.52 40.77 6.97
CA ASN C 61 13.62 40.13 6.25
C ASN C 61 13.11 38.90 5.40
N GLU C 62 11.79 38.84 5.15
CA GLU C 62 11.18 37.70 4.50
C GLU C 62 10.87 37.96 3.08
N GLN C 63 10.83 36.87 2.34
CA GLN C 63 10.52 36.93 0.93
C GLN C 63 9.32 36.08 0.73
N PHE C 64 8.24 36.61 0.20
CA PHE C 64 7.08 35.80 -0.11
C PHE C 64 6.97 35.67 -1.64
N ILE C 65 7.05 34.48 -2.25
CA ILE C 65 7.04 34.36 -3.69
C ILE C 65 5.97 33.30 -4.03
N ASN C 66 5.09 33.51 -5.03
CA ASN C 66 4.10 32.49 -5.40
C ASN C 66 4.73 31.33 -6.09
N ALA C 67 4.21 30.16 -5.89
CA ALA C 67 4.61 28.99 -6.66
C ALA C 67 4.04 29.16 -8.07
N ALA C 68 4.85 28.89 -9.11
CA ALA C 68 4.35 28.90 -10.48
C ALA C 68 4.10 27.51 -10.94
N LYS C 69 4.98 26.60 -10.61
CA LYS C 69 4.74 25.20 -10.92
C LYS C 69 4.70 24.35 -9.66
N ILE C 70 3.66 23.50 -9.46
CA ILE C 70 3.66 22.52 -8.37
C ILE C 70 3.61 21.14 -9.02
N ILE C 71 4.67 20.35 -8.97
CA ILE C 71 4.74 19.04 -9.64
C ILE C 71 4.94 17.91 -8.62
N THR C 72 3.95 17.03 -8.37
CA THR C 72 4.10 15.91 -7.42
C THR C 72 4.85 14.75 -8.08
N HIS C 73 5.63 13.92 -7.36
CA HIS C 73 6.33 12.82 -8.03
C HIS C 73 5.30 11.94 -8.69
N PRO C 74 5.50 11.60 -9.96
CA PRO C 74 4.54 10.87 -10.78
C PRO C 74 3.98 9.59 -10.17
N ASN C 75 4.80 8.91 -9.40
CA ASN C 75 4.41 7.66 -8.83
C ASN C 75 3.96 7.79 -7.40
N PHE C 76 3.67 9.04 -6.94
CA PHE C 76 3.27 9.28 -5.57
C PHE C 76 2.03 8.50 -5.25
N ASN C 77 1.93 7.78 -4.14
CA ASN C 77 0.71 7.08 -3.82
C ASN C 77 0.05 7.69 -2.61
N GLY C 78 -1.13 8.28 -2.72
CA GLY C 78 -1.80 8.90 -1.59
C GLY C 78 -2.15 7.92 -0.47
N ASN C 79 -2.35 6.61 -0.77
CA ASN C 79 -2.75 5.65 0.26
C ASN C 79 -1.59 5.05 1.02
N THR C 80 -0.49 4.65 0.38
CA THR C 80 0.70 4.12 1.09
C THR C 80 1.79 5.18 1.37
N LEU C 81 1.60 6.39 0.82
CA LEU C 81 2.54 7.52 0.81
C LEU C 81 3.92 7.25 0.19
N ASP C 82 3.99 6.29 -0.76
CA ASP C 82 5.25 6.06 -1.45
C ASP C 82 5.48 7.23 -2.42
N ASN C 83 6.75 7.50 -2.69
CA ASN C 83 7.23 8.62 -3.51
C ASN C 83 6.56 9.94 -3.11
N ASP C 84 6.59 10.22 -1.84
CA ASP C 84 6.00 11.43 -1.33
C ASP C 84 6.98 12.59 -1.49
N ILE C 85 7.12 13.16 -2.69
CA ILE C 85 8.05 14.28 -2.92
C ILE C 85 7.43 15.19 -4.00
N MET C 86 7.65 16.50 -3.93
CA MET C 86 6.97 17.49 -4.81
C MET C 86 7.95 18.62 -5.03
N LEU C 87 7.94 19.21 -6.20
CA LEU C 87 8.87 20.25 -6.58
C LEU C 87 8.03 21.49 -6.81
N ILE C 88 8.36 22.63 -6.24
CA ILE C 88 7.64 23.85 -6.48
C ILE C 88 8.60 24.78 -7.19
N LYS C 89 8.23 25.35 -8.33
CA LYS C 89 9.09 26.30 -9.00
C LYS C 89 8.50 27.61 -8.70
N LEU C 90 9.35 28.54 -8.21
CA LEU C 90 8.92 29.87 -7.77
C LEU C 90 8.76 30.75 -9.00
N SER C 91 7.73 31.64 -8.95
CA SER C 91 7.47 32.56 -10.05
C SER C 91 8.55 33.64 -10.20
N SER C 92 9.54 33.68 -9.29
CA SER C 92 10.66 34.62 -9.33
C SER C 92 11.72 33.93 -8.48
N PRO C 93 13.02 33.98 -8.74
CA PRO C 93 14.04 33.42 -7.84
C PRO C 93 14.18 34.18 -6.52
N ALA C 94 14.32 33.44 -5.43
CA ALA C 94 14.55 34.03 -4.16
C ALA C 94 15.91 34.71 -4.22
N THR C 95 16.06 35.91 -3.63
CA THR C 95 17.36 36.57 -3.64
C THR C 95 18.09 35.98 -2.48
N LEU C 96 19.20 35.31 -2.76
CA LEU C 96 19.91 34.58 -1.73
C LEU C 96 20.82 35.44 -0.93
N ASN C 97 20.63 35.38 0.36
CA ASN C 97 21.38 36.20 1.28
C ASN C 97 21.65 35.33 2.53
N SER C 98 21.91 35.86 3.73
CA SER C 98 22.16 35.03 4.90
C SER C 98 20.89 34.32 5.38
N ARG C 99 19.78 35.06 5.41
CA ARG C 99 18.51 34.56 5.82
C ARG C 99 17.93 33.55 4.84
N VAL C 100 18.39 33.52 3.58
CA VAL C 100 17.77 32.65 2.57
C VAL C 100 18.83 31.85 1.87
N ALA C 101 18.80 30.54 1.90
CA ALA C 101 19.88 29.80 1.28
C ALA C 101 19.51 28.40 0.85
N THR C 102 20.33 27.84 -0.01
CA THR C 102 20.13 26.56 -0.62
C THR C 102 20.64 25.36 0.18
N VAL C 103 19.91 24.21 0.25
CA VAL C 103 20.48 22.95 0.84
C VAL C 103 21.06 22.20 -0.34
N SER C 104 21.93 21.23 -0.11
CA SER C 104 22.50 20.48 -1.19
C SER C 104 21.78 19.14 -1.30
N LEU C 105 21.56 18.63 -2.51
CA LEU C 105 21.03 17.27 -2.63
C LEU C 105 22.14 16.27 -2.28
N PRO C 106 21.82 15.03 -1.93
CA PRO C 106 22.81 14.03 -1.51
C PRO C 106 23.87 13.59 -2.50
N ARG C 107 25.13 13.60 -2.08
CA ARG C 107 26.19 12.91 -2.83
C ARG C 107 25.91 11.39 -2.68
N SER C 108 25.29 10.99 -1.56
CA SER C 108 24.92 9.60 -1.33
C SER C 108 23.85 9.51 -0.26
N CYS C 109 23.45 8.29 0.13
CA CYS C 109 22.50 8.13 1.21
C CYS C 109 23.16 8.13 2.59
N ALA C 110 22.35 8.53 3.57
CA ALA C 110 22.76 8.49 4.98
C ALA C 110 22.82 7.04 5.41
N ALA C 111 23.70 6.75 6.36
CA ALA C 111 23.88 5.40 6.85
C ALA C 111 23.34 5.37 8.22
N ALA C 112 22.65 4.29 8.59
CA ALA C 112 22.01 4.19 9.91
C ALA C 112 22.94 4.62 11.03
N GLY C 113 22.61 5.75 11.68
CA GLY C 113 23.44 6.28 12.72
C GLY C 113 23.63 7.76 12.58
N THR C 114 23.92 8.23 11.35
CA THR C 114 24.15 9.66 11.07
C THR C 114 23.15 10.57 11.78
N GLU C 115 23.67 11.60 12.47
CA GLU C 115 22.84 12.59 13.20
C GLU C 115 22.35 13.64 12.19
N CYS C 116 21.11 14.07 12.31
CA CYS C 116 20.58 15.04 11.40
C CYS C 116 19.87 16.11 12.18
N LEU C 117 19.53 17.21 11.50
CA LEU C 117 18.73 18.23 12.12
C LEU C 117 17.38 18.30 11.38
N ILE C 118 16.29 18.11 12.06
CA ILE C 118 14.94 18.21 11.49
C ILE C 118 14.47 19.56 11.95
N SER C 119 13.58 20.27 11.21
CA SER C 119 13.13 21.61 11.60
C SER C 119 11.74 21.92 11.10
N GLY C 120 10.92 22.67 11.83
CA GLY C 120 9.59 23.03 11.33
C GLY C 120 8.80 23.87 12.31
N TRP C 121 7.68 24.42 11.88
CA TRP C 121 6.81 25.21 12.77
C TRP C 121 5.57 24.40 13.17
N GLY C 122 5.69 23.09 13.22
CA GLY C 122 4.52 22.28 13.55
C GLY C 122 4.43 21.99 15.04
N ASN C 123 3.34 21.35 15.43
CA ASN C 123 3.00 21.04 16.84
C ASN C 123 4.14 20.58 17.71
N THR C 124 4.06 20.91 18.99
CA THR C 124 5.11 20.57 19.94
C THR C 124 4.65 19.63 21.04
N LYS C 125 3.42 19.12 20.92
CA LYS C 125 2.89 18.25 21.93
C LYS C 125 2.43 16.92 21.34
N SER C 126 2.98 15.84 21.90
CA SER C 126 2.59 14.49 21.52
C SER C 126 1.17 14.27 21.99
N SER C 127 0.88 14.79 23.16
CA SER C 127 -0.44 14.75 23.63
C SER C 127 -0.94 16.16 23.76
N GLY C 128 -1.60 16.60 22.69
CA GLY C 128 -2.25 17.90 22.66
C GLY C 128 -1.63 18.68 21.57
N SER C 129 -1.77 19.99 21.58
CA SER C 129 -1.18 20.77 20.53
C SER C 129 -0.80 22.16 20.89
N SER C 130 0.42 22.54 20.61
CA SER C 130 0.85 23.89 20.76
C SER C 130 1.53 24.14 19.48
N TYR C 131 1.30 25.28 18.91
CA TYR C 131 1.95 25.58 17.67
C TYR C 131 2.82 26.83 17.81
N PRO C 132 4.13 26.65 17.64
CA PRO C 132 5.15 27.60 18.03
C PRO C 132 5.25 28.70 17.01
N SER C 133 5.63 29.89 17.42
CA SER C 133 5.85 30.94 16.46
C SER C 133 7.22 30.73 15.86
N LEU C 134 8.17 30.31 16.70
CA LEU C 134 9.51 30.20 16.26
C LEU C 134 9.81 28.80 15.80
N LEU C 135 10.66 28.80 14.78
CA LEU C 135 11.14 27.61 14.17
C LEU C 135 11.78 26.70 15.18
N GLN C 136 11.34 25.44 15.21
CA GLN C 136 11.90 24.47 16.15
C GLN C 136 12.88 23.55 15.46
N CYS C 137 13.92 23.11 16.15
CA CYS C 137 14.96 22.29 15.55
C CYS C 137 15.05 21.04 16.43
N LEU C 138 15.56 19.91 15.89
CA LEU C 138 15.69 18.67 16.63
C LEU C 138 16.82 17.88 16.00
N LYS C 139 17.69 17.37 16.86
CA LYS C 139 18.78 16.52 16.37
C LYS C 139 18.30 15.11 16.59
N ALA C 140 18.43 14.28 15.59
CA ALA C 140 17.95 12.92 15.68
C ALA C 140 18.76 12.12 14.68
N PRO C 141 19.03 10.84 14.93
CA PRO C 141 19.79 9.99 14.02
C PRO C 141 18.92 9.25 13.02
N VAL C 142 19.51 8.75 11.94
CA VAL C 142 18.76 7.87 11.04
C VAL C 142 18.80 6.44 11.61
N LEU C 143 17.63 5.81 11.67
CA LEU C 143 17.49 4.47 12.17
C LEU C 143 17.73 3.48 11.06
N SER C 144 17.93 2.24 11.45
CA SER C 144 18.19 1.23 10.48
C SER C 144 16.89 0.87 9.82
N ASP C 145 16.95 0.61 8.52
CA ASP C 145 15.77 0.19 7.81
C ASP C 145 15.16 -0.99 8.51
N SER C 146 15.99 -1.83 9.10
CA SER C 146 15.55 -2.96 9.89
C SER C 146 14.71 -2.52 11.10
N SER C 147 15.15 -1.47 11.89
CA SER C 147 14.36 -0.95 13.02
C SER C 147 13.08 -0.34 12.46
N CYS C 148 13.23 0.39 11.34
CA CYS C 148 12.14 1.11 10.73
C CYS C 148 11.01 0.18 10.32
N LYS C 149 11.40 -0.92 9.67
CA LYS C 149 10.44 -1.91 9.24
C LYS C 149 9.84 -2.62 10.41
N SER C 150 10.64 -3.04 11.40
CA SER C 150 10.05 -3.69 12.54
C SER C 150 9.10 -2.79 13.27
N ALA C 151 9.31 -1.44 13.25
CA ALA C 151 8.41 -0.49 13.90
C ALA C 151 7.11 -0.26 13.11
N TYR C 152 7.13 -0.42 11.78
CA TYR C 152 5.94 -0.17 10.97
C TYR C 152 5.83 -1.22 9.84
N PRO C 153 5.21 -2.37 10.06
CA PRO C 153 5.43 -3.54 9.19
C PRO C 153 4.49 -3.56 8.02
N GLY C 154 4.99 -3.92 6.85
CA GLY C 154 4.16 -3.94 5.66
C GLY C 154 3.98 -2.53 5.07
N GLN C 155 4.50 -1.51 5.79
CA GLN C 155 4.27 -0.13 5.40
C GLN C 155 5.48 0.63 4.89
N ILE C 156 6.71 0.24 5.26
CA ILE C 156 7.91 1.03 4.95
C ILE C 156 8.43 0.52 3.67
N THR C 157 8.44 1.33 2.63
CA THR C 157 8.95 0.86 1.36
C THR C 157 10.44 1.20 1.28
N GLY C 158 11.11 1.10 0.13
CA GLY C 158 12.54 1.39 0.04
C GLY C 158 12.78 2.85 -0.33
N ASN C 159 11.76 3.69 -0.20
CA ASN C 159 11.90 5.13 -0.45
C ASN C 159 11.56 5.89 0.80
N MET C 160 11.61 5.22 1.96
CA MET C 160 11.22 5.80 3.24
C MET C 160 12.29 5.44 4.27
N ILE C 161 12.71 6.41 5.10
CA ILE C 161 13.67 6.16 6.18
C ILE C 161 13.05 6.58 7.50
N CYS C 162 13.34 5.89 8.62
CA CYS C 162 12.86 6.33 9.92
C CYS C 162 13.96 7.17 10.56
N VAL C 163 13.64 8.33 11.08
CA VAL C 163 14.65 9.15 11.76
C VAL C 163 14.02 9.48 13.09
N GLY C 164 14.73 9.40 14.18
CA GLY C 164 14.12 9.69 15.48
C GLY C 164 14.60 8.73 16.54
N PHE C 165 13.78 8.52 17.54
CA PHE C 165 14.17 7.74 18.70
C PHE C 165 13.09 6.75 19.00
N LEU C 166 13.53 5.49 19.13
CA LEU C 166 12.61 4.39 19.44
C LEU C 166 11.97 4.54 20.82
N GLU C 167 12.62 5.36 21.70
CA GLU C 167 12.13 5.67 23.04
C GLU C 167 10.92 6.56 23.00
N GLY C 168 10.87 7.39 21.94
CA GLY C 168 9.84 8.41 21.86
C GLY C 168 10.33 9.73 22.44
N GLY C 169 9.37 10.60 22.76
CA GLY C 169 9.70 11.90 23.35
C GLY C 169 10.15 12.97 22.36
N LYS C 170 10.94 12.67 21.31
CA LYS C 170 11.39 13.70 20.37
C LYS C 170 11.02 13.26 18.97
N ASP C 171 10.32 14.08 18.17
CA ASP C 171 9.91 13.66 16.80
C ASP C 171 9.31 14.85 16.08
N SER C 172 9.02 14.73 14.78
CA SER C 172 8.27 15.75 14.08
C SER C 172 6.80 15.52 14.40
N CYS C 173 5.96 16.45 14.08
CA CYS C 173 4.56 16.26 14.37
C CYS C 173 3.78 17.07 13.31
N GLN C 174 2.45 17.10 13.37
CA GLN C 174 1.68 17.79 12.36
C GLN C 174 2.05 19.21 12.35
N GLY C 175 2.34 19.59 11.13
CA GLY C 175 2.74 20.93 10.79
C GLY C 175 4.16 20.94 10.23
N ASP C 176 4.88 19.84 10.37
CA ASP C 176 6.22 19.80 9.94
C ASP C 176 6.36 19.13 8.60
N SER C 177 5.24 18.55 8.04
CA SER C 177 5.32 17.78 6.77
C SER C 177 5.90 18.61 5.66
N GLY C 178 6.91 18.06 5.05
CA GLY C 178 7.53 18.68 3.91
C GLY C 178 8.83 19.26 4.24
N GLY C 179 9.08 19.40 5.54
CA GLY C 179 10.30 20.04 6.07
C GLY C 179 11.52 19.19 5.78
N PRO C 180 12.74 19.75 5.99
CA PRO C 180 14.02 19.09 5.75
C PRO C 180 14.52 18.23 6.89
N VAL C 181 15.21 17.15 6.54
CA VAL C 181 16.01 16.36 7.48
C VAL C 181 17.37 16.43 6.83
N VAL C 182 18.20 17.32 7.35
CA VAL C 182 19.51 17.55 6.78
C VAL C 182 20.56 16.84 7.61
N CYS C 183 21.40 16.05 6.97
CA CYS C 183 22.44 15.32 7.68
C CYS C 183 23.71 15.72 7.01
N ASN C 184 24.81 15.91 7.72
CA ASN C 184 26.12 16.35 7.12
C ASN C 184 26.08 17.50 6.08
N GLY C 185 25.02 18.36 6.10
CA GLY C 185 24.91 19.49 5.19
C GLY C 185 24.21 19.13 3.89
N GLN C 186 23.51 17.97 3.88
CA GLN C 186 22.87 17.42 2.67
C GLN C 186 21.47 17.08 3.03
N LEU C 187 20.49 17.33 2.16
CA LEU C 187 19.11 17.05 2.47
C LEU C 187 18.84 15.57 2.28
N GLN C 188 18.76 14.76 3.35
CA GLN C 188 18.51 13.32 3.22
C GLN C 188 17.06 12.93 3.43
N GLY C 189 16.19 13.78 4.01
CA GLY C 189 14.81 13.36 4.23
C GLY C 189 13.81 14.49 4.18
N ILE C 190 12.56 14.12 3.93
CA ILE C 190 11.45 15.05 3.86
C ILE C 190 10.42 14.55 4.89
N VAL C 191 9.83 15.37 5.78
CA VAL C 191 8.91 14.78 6.75
C VAL C 191 7.55 14.47 6.14
N SER C 192 7.09 13.26 6.47
CA SER C 192 6.00 12.65 5.78
C SER C 192 4.85 12.16 6.66
N TRP C 193 5.02 11.04 7.35
CA TRP C 193 3.93 10.46 8.11
C TRP C 193 4.49 9.72 9.32
N GLY C 194 3.58 9.25 10.15
CA GLY C 194 3.97 8.48 11.32
C GLY C 194 2.69 8.18 12.04
N TYR C 195 2.71 7.26 13.00
CA TYR C 195 1.55 7.03 13.82
C TYR C 195 1.74 8.01 14.98
N GLY C 196 0.76 8.91 15.18
CA GLY C 196 0.83 9.91 16.28
C GLY C 196 2.10 10.75 16.25
N CYS C 197 2.52 11.29 17.38
CA CYS C 197 3.78 12.02 17.41
C CYS C 197 4.57 11.58 18.62
N ALA C 198 5.89 11.43 18.49
CA ALA C 198 6.76 11.12 19.60
C ALA C 198 6.33 9.95 20.49
N GLN C 199 5.66 9.00 19.87
CA GLN C 199 5.15 7.82 20.54
C GLN C 199 6.27 6.83 20.80
N LYS C 200 6.09 5.89 21.73
CA LYS C 200 7.13 4.92 21.95
C LYS C 200 7.07 3.95 20.80
N ASN C 201 8.24 3.63 20.29
CA ASN C 201 8.42 2.70 19.20
C ASN C 201 7.93 3.15 17.86
N LYS C 202 7.42 4.36 17.77
CA LYS C 202 6.85 4.81 16.51
C LYS C 202 7.57 6.06 15.99
N PRO C 203 8.86 6.01 15.62
CA PRO C 203 9.61 7.13 15.12
C PRO C 203 9.05 7.59 13.79
N GLY C 204 9.47 8.78 13.36
CA GLY C 204 8.97 9.34 12.14
C GLY C 204 9.54 8.65 10.93
N VAL C 205 8.71 8.61 9.89
CA VAL C 205 9.10 8.10 8.60
C VAL C 205 9.19 9.30 7.69
N TYR C 206 10.25 9.34 6.90
CA TYR C 206 10.57 10.46 6.06
C TYR C 206 10.82 9.95 4.62
N THR C 207 10.65 10.79 3.62
CA THR C 207 10.93 10.40 2.27
C THR C 207 12.43 10.30 2.06
N LYS C 208 12.93 9.23 1.45
CA LYS C 208 14.37 9.02 1.26
C LYS C 208 14.86 9.80 0.06
N VAL C 209 15.38 11.00 0.27
CA VAL C 209 15.72 11.83 -0.85
C VAL C 209 16.85 11.30 -1.69
N CYS C 210 17.79 10.50 -1.21
CA CYS C 210 18.85 10.06 -2.11
C CYS C 210 18.32 9.26 -3.33
N ASN C 211 17.14 8.62 -3.18
CA ASN C 211 16.50 7.89 -4.28
C ASN C 211 15.98 8.75 -5.41
N TYR C 212 15.84 10.06 -5.20
CA TYR C 212 15.17 10.88 -6.20
C TYR C 212 16.06 11.92 -6.82
N VAL C 213 17.36 11.98 -6.49
CA VAL C 213 18.23 13.04 -7.00
C VAL C 213 18.17 13.23 -8.53
N ASN C 214 18.25 12.19 -9.32
CA ASN C 214 18.13 12.37 -10.76
C ASN C 214 16.77 12.77 -11.17
N TRP C 215 15.72 12.43 -10.44
CA TRP C 215 14.40 12.89 -10.83
C TRP C 215 14.35 14.40 -10.63
N ILE C 216 14.96 14.86 -9.53
CA ILE C 216 14.95 16.25 -9.21
C ILE C 216 15.72 16.98 -10.31
N GLN C 217 16.91 16.47 -10.66
CA GLN C 217 17.72 17.05 -11.70
C GLN C 217 17.00 17.19 -13.06
N GLN C 218 16.40 16.11 -13.55
CA GLN C 218 15.71 16.20 -14.81
C GLN C 218 14.46 17.03 -14.70
N THR C 219 13.73 17.12 -13.57
CA THR C 219 12.55 17.92 -13.63
C THR C 219 12.95 19.39 -13.66
N ILE C 220 13.96 19.76 -12.88
CA ILE C 220 14.44 21.14 -12.83
C ILE C 220 14.97 21.57 -14.23
N ALA C 221 15.77 20.69 -14.84
CA ALA C 221 16.30 20.97 -16.17
C ALA C 221 15.26 20.85 -17.29
N ALA C 222 14.21 20.07 -17.13
CA ALA C 222 13.21 19.97 -18.16
C ALA C 222 12.07 20.96 -17.98
N ASN C 223 12.08 21.90 -17.00
CA ASN C 223 10.94 22.80 -16.77
C ASN C 223 11.39 24.23 -16.57
CA CA D . -17.79 -34.34 -1.70
CA CA E . 8.07 36.51 10.27
#